data_6E65
#
_entry.id   6E65
#
_cell.length_a   55.680
_cell.length_b   70.720
_cell.length_c   115.360
_cell.angle_alpha   90.00
_cell.angle_beta   90.00
_cell.angle_gamma   90.00
#
_symmetry.space_group_name_H-M   'P 21 21 21'
#
loop_
_entity.id
_entity.type
_entity.pdbx_description
1 polymer 'TB31F Fab light chain'
2 polymer 'TB31F Fab heavy chain'
3 water water
#
loop_
_entity_poly.entity_id
_entity_poly.type
_entity_poly.pdbx_seq_one_letter_code
_entity_poly.pdbx_strand_id
1 'polypeptide(L)'
;NFMLTQPHSVSESPGKTVTISCTRSTGNIGSNYVSWYQQRPGSSPTTVIYRDDQRPSGVPDRFSGSIDRSSNSASLTISG
LKTEDEADYYCHSYSTGMYIFGGGTKLTVLGQPKAAPSVTLFPPSSEELQANKATLVCLISDFYPGAVTVAWKADSSPVK
AGVETTTPSKQSNNKYAASSYLSLTPEQWKSHRSYSCQVTHEGSTVEKTVAPTEC
;
L
2 'polypeptide(L)'
;EVQLVQSGGGLVQPGGSLRLSCAASGFTFNNYWMSWVRQAPGKGLEWVSSISNIGGTIYYPDSVKGRFTISRDNSKNTLY
LQMNSLRAEDTAVYYCTRDLRMSDYFDYWGQGTMVTVSSASTKGPSVFPLAPSSKSTSGGTAALGCLVKDYFPEPVTVSW
NSGALTSGVHTFPAVLQSSGLYSLSSVVTVPSSSLGTQTYICNVNHKPSNTKVDKKVEPKSC
;
H
#
# COMPACT_ATOMS: atom_id res chain seq x y z
N ASN A 1 -8.86 13.76 -19.79
CA ASN A 1 -8.36 13.47 -18.45
C ASN A 1 -9.24 12.44 -17.76
N PHE A 2 -9.24 11.22 -18.28
CA PHE A 2 -10.13 10.17 -17.80
C PHE A 2 -9.48 9.37 -16.68
N MET A 3 -10.26 8.45 -16.12
CA MET A 3 -9.83 7.47 -15.13
C MET A 3 -9.99 6.07 -15.71
N LEU A 4 -9.15 5.16 -15.24
CA LEU A 4 -9.31 3.73 -15.48
C LEU A 4 -9.55 3.06 -14.14
N THR A 5 -10.68 2.35 -14.01
CA THR A 5 -11.08 1.73 -12.76
C THR A 5 -11.01 0.21 -12.88
N GLN A 6 -10.28 -0.42 -11.96
CA GLN A 6 -10.13 -1.86 -11.86
C GLN A 6 -10.68 -2.36 -10.55
N PRO A 7 -11.08 -3.64 -10.47
CA PRO A 7 -11.43 -4.22 -9.18
C PRO A 7 -10.22 -4.25 -8.26
N HIS A 8 -10.49 -4.14 -6.95
CA HIS A 8 -9.40 -4.15 -5.99
C HIS A 8 -8.64 -5.48 -6.03
N SER A 9 -9.36 -6.59 -6.18
CA SER A 9 -8.71 -7.89 -6.12
C SER A 9 -9.57 -8.93 -6.82
N VAL A 10 -8.90 -9.98 -7.32
CA VAL A 10 -9.54 -11.17 -7.87
C VAL A 10 -8.75 -12.39 -7.42
N SER A 11 -9.38 -13.57 -7.53
CA SER A 11 -8.68 -14.79 -7.15
C SER A 11 -9.31 -15.99 -7.85
N GLU A 12 -8.49 -17.03 -8.03
CA GLU A 12 -8.94 -18.31 -8.55
C GLU A 12 -7.91 -19.37 -8.19
N SER A 13 -8.31 -20.64 -8.38
CA SER A 13 -7.48 -21.80 -8.09
C SER A 13 -6.51 -22.07 -9.23
N PRO A 14 -5.40 -22.75 -8.95
CA PRO A 14 -4.50 -23.17 -10.03
C PRO A 14 -5.25 -23.93 -11.11
N GLY A 15 -4.90 -23.62 -12.36
CA GLY A 15 -5.52 -24.26 -13.51
C GLY A 15 -6.78 -23.59 -14.02
N LYS A 16 -7.36 -22.67 -13.25
CA LYS A 16 -8.59 -22.02 -13.65
C LYS A 16 -8.29 -20.74 -14.43
N THR A 17 -9.34 -20.04 -14.80
CA THR A 17 -9.26 -18.81 -15.58
C THR A 17 -9.84 -17.66 -14.77
N VAL A 18 -9.21 -16.50 -14.85
CA VAL A 18 -9.69 -15.31 -14.16
C VAL A 18 -9.60 -14.12 -15.10
N THR A 19 -10.48 -13.13 -14.90
CA THR A 19 -10.50 -11.95 -15.75
C THR A 19 -10.46 -10.70 -14.88
N ILE A 20 -9.68 -9.72 -15.32
CA ILE A 20 -9.52 -8.43 -14.63
C ILE A 20 -10.01 -7.36 -15.59
N SER A 21 -11.00 -6.57 -15.16
CA SER A 21 -11.57 -5.52 -15.98
C SER A 21 -10.93 -4.16 -15.69
N CYS A 22 -11.06 -3.26 -16.67
CA CYS A 22 -10.46 -1.93 -16.64
C CYS A 22 -11.45 -1.01 -17.36
N THR A 23 -12.21 -0.22 -16.60
CA THR A 23 -13.31 0.57 -17.14
C THR A 23 -12.93 2.04 -17.23
N ARG A 24 -13.17 2.64 -18.40
CA ARG A 24 -12.81 4.02 -18.64
C ARG A 24 -13.98 4.94 -18.31
N SER A 25 -13.72 5.99 -17.53
CA SER A 25 -14.80 6.82 -17.01
C SER A 25 -15.44 7.66 -18.11
N THR A 26 -14.62 8.40 -18.86
CA THR A 26 -15.11 9.27 -19.92
C THR A 26 -14.35 8.99 -21.20
N GLY A 27 -15.01 9.23 -22.33
CA GLY A 27 -14.46 8.87 -23.62
C GLY A 27 -14.59 7.37 -23.87
N ASN A 28 -14.20 6.98 -25.08
CA ASN A 28 -14.37 5.60 -25.52
C ASN A 28 -13.10 4.80 -25.26
N ILE A 29 -13.26 3.62 -24.64
CA ILE A 29 -12.11 2.77 -24.36
C ILE A 29 -11.35 2.45 -25.64
N GLY A 30 -12.06 2.27 -26.74
CA GLY A 30 -11.42 1.95 -27.99
C GLY A 30 -10.68 3.10 -28.64
N SER A 31 -10.80 4.32 -28.10
CA SER A 31 -10.13 5.46 -28.70
C SER A 31 -8.62 5.39 -28.54
N ASN A 32 -8.13 4.74 -27.48
CA ASN A 32 -6.70 4.71 -27.19
C ASN A 32 -6.29 3.29 -26.81
N TYR A 33 -5.08 2.90 -27.22
CA TYR A 33 -4.56 1.58 -26.91
C TYR A 33 -4.53 1.35 -25.41
N VAL A 34 -4.88 0.12 -25.00
CA VAL A 34 -4.77 -0.31 -23.61
C VAL A 34 -3.61 -1.30 -23.51
N SER A 35 -2.80 -1.16 -22.46
CA SER A 35 -1.75 -2.11 -22.16
C SER A 35 -1.91 -2.56 -20.72
N TRP A 36 -1.29 -3.69 -20.42
CA TRP A 36 -1.39 -4.33 -19.11
C TRP A 36 -0.01 -4.69 -18.59
N TYR A 37 0.22 -4.45 -17.30
CA TYR A 37 1.49 -4.71 -16.65
C TYR A 37 1.30 -5.64 -15.47
N GLN A 38 2.22 -6.59 -15.32
CA GLN A 38 2.25 -7.50 -14.18
C GLN A 38 3.32 -7.02 -13.21
N GLN A 39 2.97 -6.92 -11.92
CA GLN A 39 3.95 -6.57 -10.90
C GLN A 39 3.88 -7.58 -9.75
N ARG A 40 4.85 -8.49 -9.73
CA ARG A 40 4.96 -9.44 -8.64
C ARG A 40 5.36 -8.73 -7.36
N PRO A 41 5.06 -9.30 -6.20
CA PRO A 41 5.45 -8.65 -4.94
C PRO A 41 6.93 -8.31 -4.94
N GLY A 42 7.25 -7.13 -4.43
CA GLY A 42 8.64 -6.71 -4.32
C GLY A 42 9.39 -6.70 -5.64
N SER A 43 8.71 -6.44 -6.75
CA SER A 43 9.33 -6.52 -8.06
C SER A 43 8.95 -5.32 -8.92
N SER A 44 9.73 -5.12 -9.98
CA SER A 44 9.37 -4.09 -10.94
C SER A 44 8.36 -4.65 -11.96
N PRO A 45 7.53 -3.78 -12.53
CA PRO A 45 6.53 -4.23 -13.48
C PRO A 45 7.17 -4.75 -14.77
N THR A 46 6.42 -5.62 -15.43
CA THR A 46 6.74 -6.05 -16.80
C THR A 46 5.46 -6.04 -17.61
N THR A 47 5.60 -5.89 -18.91
CA THR A 47 4.45 -5.80 -19.78
C THR A 47 3.91 -7.18 -20.13
N VAL A 48 2.58 -7.36 -20.06
CA VAL A 48 2.00 -8.63 -20.48
C VAL A 48 1.07 -8.50 -21.69
N ILE A 49 0.48 -7.32 -21.90
CA ILE A 49 -0.37 -7.08 -23.07
C ILE A 49 -0.12 -5.66 -23.55
N TYR A 50 -0.05 -5.46 -24.87
CA TYR A 50 0.03 -4.13 -25.45
C TYR A 50 -0.87 -4.07 -26.67
N ARG A 51 -1.21 -2.86 -27.11
CA ARG A 51 -2.12 -2.63 -28.23
C ARG A 51 -3.38 -3.49 -28.10
N ASP A 52 -3.92 -3.50 -26.88
CA ASP A 52 -5.20 -4.11 -26.52
C ASP A 52 -5.11 -5.63 -26.35
N ASP A 53 -4.42 -6.32 -27.26
CA ASP A 53 -4.49 -7.78 -27.26
C ASP A 53 -3.21 -8.46 -27.74
N GLN A 54 -2.09 -7.74 -27.83
CA GLN A 54 -0.82 -8.29 -28.29
C GLN A 54 0.06 -8.69 -27.10
N ARG A 55 0.73 -9.86 -27.22
CA ARG A 55 1.63 -10.34 -26.18
C ARG A 55 3.08 -10.07 -26.56
N PRO A 56 3.88 -9.53 -25.65
CA PRO A 56 5.33 -9.49 -25.86
C PRO A 56 5.92 -10.89 -25.97
N SER A 57 7.08 -10.97 -26.60
CA SER A 57 7.80 -12.24 -26.61
C SER A 57 8.14 -12.66 -25.19
N GLY A 58 7.97 -13.95 -24.91
CA GLY A 58 8.21 -14.47 -23.58
C GLY A 58 7.01 -14.44 -22.65
N VAL A 59 5.89 -13.89 -23.09
CA VAL A 59 4.63 -13.93 -22.34
C VAL A 59 3.76 -15.03 -22.96
N PRO A 60 3.35 -16.03 -22.19
CA PRO A 60 2.65 -17.17 -22.79
C PRO A 60 1.21 -16.83 -23.15
N ASP A 61 0.65 -17.65 -24.04
CA ASP A 61 -0.70 -17.39 -24.55
C ASP A 61 -1.79 -17.66 -23.52
N ARG A 62 -1.41 -18.06 -22.30
CA ARG A 62 -2.35 -18.03 -21.17
C ARG A 62 -2.86 -16.61 -20.90
N PHE A 63 -2.09 -15.59 -21.27
CA PHE A 63 -2.48 -14.19 -21.08
C PHE A 63 -3.13 -13.69 -22.36
N SER A 64 -4.33 -13.12 -22.24
CA SER A 64 -4.97 -12.52 -23.40
C SER A 64 -5.66 -11.23 -23.00
N GLY A 65 -5.80 -10.34 -23.97
CA GLY A 65 -6.44 -9.05 -23.76
C GLY A 65 -7.63 -8.89 -24.68
N SER A 66 -8.61 -8.11 -24.22
CA SER A 66 -9.80 -7.87 -25.02
C SER A 66 -10.39 -6.52 -24.66
N ILE A 67 -11.29 -6.05 -25.52
CA ILE A 67 -11.96 -4.77 -25.38
C ILE A 67 -13.46 -5.02 -25.51
N ASP A 68 -14.25 -4.43 -24.62
CA ASP A 68 -15.71 -4.48 -24.71
C ASP A 68 -16.26 -3.05 -24.70
N ARG A 69 -16.53 -2.52 -25.90
CA ARG A 69 -16.99 -1.14 -25.99
C ARG A 69 -18.36 -0.95 -25.38
N SER A 70 -19.22 -1.97 -25.39
CA SER A 70 -20.55 -1.80 -24.82
C SER A 70 -20.49 -1.45 -23.35
N SER A 71 -19.48 -1.95 -22.64
CA SER A 71 -19.22 -1.62 -21.24
C SER A 71 -18.09 -0.62 -21.07
N ASN A 72 -17.48 -0.16 -22.16
CA ASN A 72 -16.38 0.81 -22.12
C ASN A 72 -15.22 0.30 -21.26
N SER A 73 -14.89 -0.97 -21.43
CA SER A 73 -13.91 -1.62 -20.58
C SER A 73 -12.90 -2.40 -21.42
N ALA A 74 -11.72 -2.62 -20.84
CA ALA A 74 -10.74 -3.56 -21.34
C ALA A 74 -10.61 -4.69 -20.33
N SER A 75 -10.20 -5.87 -20.79
CA SER A 75 -10.08 -6.98 -19.86
C SER A 75 -8.81 -7.79 -20.13
N LEU A 76 -8.14 -8.16 -19.04
CA LEU A 76 -7.05 -9.12 -19.08
C LEU A 76 -7.56 -10.45 -18.55
N THR A 77 -7.37 -11.50 -19.34
CA THR A 77 -7.82 -12.83 -18.96
C THR A 77 -6.60 -13.74 -18.87
N ILE A 78 -6.49 -14.48 -17.78
CA ILE A 78 -5.39 -15.41 -17.57
C ILE A 78 -5.97 -16.80 -17.36
N SER A 79 -5.63 -17.72 -18.24
CA SER A 79 -6.06 -19.10 -18.16
C SER A 79 -4.95 -19.97 -17.60
N GLY A 80 -5.31 -21.20 -17.21
CA GLY A 80 -4.34 -22.13 -16.69
C GLY A 80 -3.50 -21.56 -15.57
N LEU A 81 -4.15 -20.94 -14.58
CA LEU A 81 -3.46 -20.14 -13.57
C LEU A 81 -2.36 -20.91 -12.89
N LYS A 82 -1.21 -20.24 -12.73
CA LYS A 82 -0.07 -20.81 -12.03
C LYS A 82 0.30 -19.89 -10.88
N THR A 83 1.03 -20.46 -9.90
CA THR A 83 1.45 -19.68 -8.74
C THR A 83 2.23 -18.43 -9.15
N GLU A 84 3.05 -18.54 -10.21
CA GLU A 84 3.85 -17.41 -10.64
C GLU A 84 3.00 -16.25 -11.15
N ASP A 85 1.72 -16.47 -11.44
CA ASP A 85 0.85 -15.39 -11.90
C ASP A 85 0.39 -14.48 -10.76
N GLU A 86 0.61 -14.87 -9.52
CA GLU A 86 0.20 -14.03 -8.39
C GLU A 86 0.99 -12.73 -8.40
N ALA A 87 0.28 -11.61 -8.49
CA ALA A 87 0.87 -10.32 -8.77
C ALA A 87 -0.23 -9.28 -8.76
N ASP A 88 0.17 -8.01 -8.76
CA ASP A 88 -0.75 -6.93 -9.04
C ASP A 88 -0.71 -6.65 -10.54
N TYR A 89 -1.87 -6.34 -11.11
CA TYR A 89 -1.98 -6.07 -12.54
C TYR A 89 -2.54 -4.67 -12.75
N TYR A 90 -1.94 -3.93 -13.68
CA TYR A 90 -2.31 -2.54 -13.95
C TYR A 90 -2.64 -2.37 -15.43
N CYS A 91 -3.75 -1.70 -15.71
CA CYS A 91 -4.01 -1.29 -17.09
C CYS A 91 -3.53 0.13 -17.31
N HIS A 92 -3.37 0.50 -18.59
CA HIS A 92 -2.79 1.79 -18.94
C HIS A 92 -3.31 2.25 -20.28
N SER A 93 -3.57 3.55 -20.37
CA SER A 93 -3.89 4.18 -21.65
C SER A 93 -3.30 5.58 -21.64
N TYR A 94 -3.05 6.10 -22.84
CA TYR A 94 -2.44 7.41 -23.02
C TYR A 94 -3.41 8.27 -23.80
N SER A 95 -3.43 9.57 -23.48
CA SER A 95 -4.12 10.52 -24.35
C SER A 95 -3.59 11.91 -24.06
N THR A 96 -3.24 12.63 -25.13
CA THR A 96 -3.03 14.07 -25.11
C THR A 96 -2.05 14.51 -24.01
N GLY A 97 -0.83 13.95 -24.08
CA GLY A 97 0.18 14.32 -23.11
C GLY A 97 -0.09 13.89 -21.68
N MET A 98 -0.93 12.88 -21.47
CA MET A 98 -1.17 12.34 -20.13
C MET A 98 -1.19 10.82 -20.20
N TYR A 99 -0.53 10.19 -19.23
CA TYR A 99 -0.45 8.74 -19.12
C TYR A 99 -1.25 8.32 -17.91
N ILE A 100 -2.26 7.47 -18.12
CA ILE A 100 -3.22 7.10 -17.10
C ILE A 100 -3.06 5.63 -16.75
N PHE A 101 -2.98 5.33 -15.45
CA PHE A 101 -2.96 3.95 -14.98
C PHE A 101 -4.25 3.65 -14.24
N GLY A 102 -4.76 2.44 -14.42
CA GLY A 102 -5.73 1.93 -13.48
C GLY A 102 -5.14 1.79 -12.09
N GLY A 103 -6.02 1.62 -11.11
CA GLY A 103 -5.57 1.58 -9.72
C GLY A 103 -4.88 0.31 -9.31
N GLY A 104 -4.92 -0.73 -10.14
CA GLY A 104 -4.30 -1.98 -9.79
C GLY A 104 -5.28 -3.01 -9.25
N THR A 105 -5.06 -4.26 -9.60
CA THR A 105 -5.85 -5.38 -9.10
C THR A 105 -4.90 -6.43 -8.57
N LYS A 106 -5.09 -6.83 -7.31
CA LYS A 106 -4.30 -7.93 -6.76
C LYS A 106 -4.92 -9.25 -7.20
N LEU A 107 -4.11 -10.09 -7.86
CA LEU A 107 -4.53 -11.43 -8.24
C LEU A 107 -3.91 -12.43 -7.26
N THR A 108 -4.77 -13.21 -6.59
CA THR A 108 -4.32 -14.29 -5.71
C THR A 108 -4.59 -15.61 -6.40
N VAL A 109 -3.58 -16.46 -6.47
CA VAL A 109 -3.76 -17.85 -6.90
C VAL A 109 -3.95 -18.66 -5.63
N LEU A 110 -5.16 -19.18 -5.45
CA LEU A 110 -5.59 -19.74 -4.17
C LEU A 110 -4.75 -20.96 -3.81
N GLY A 111 -4.10 -20.91 -2.64
CA GLY A 111 -3.26 -22.00 -2.20
C GLY A 111 -3.70 -22.56 -0.86
N GLN A 112 -4.79 -22.02 -0.33
CA GLN A 112 -5.36 -22.47 0.94
C GLN A 112 -6.82 -22.02 0.98
N PRO A 113 -7.61 -22.50 1.94
CA PRO A 113 -9.01 -22.06 2.01
C PRO A 113 -9.13 -20.57 2.27
N LYS A 114 -10.18 -19.98 1.69
CA LYS A 114 -10.48 -18.59 2.00
C LYS A 114 -10.92 -18.43 3.44
N ALA A 115 -10.68 -17.23 3.99
CA ALA A 115 -11.03 -16.97 5.37
C ALA A 115 -11.44 -15.51 5.51
N ALA A 116 -12.57 -15.27 6.15
CA ALA A 116 -13.00 -13.91 6.43
C ALA A 116 -12.16 -13.31 7.55
N PRO A 117 -11.99 -11.98 7.55
CA PRO A 117 -11.18 -11.35 8.60
C PRO A 117 -11.82 -11.40 9.97
N SER A 118 -10.97 -11.55 10.98
CA SER A 118 -11.30 -11.26 12.36
C SER A 118 -10.94 -9.82 12.65
N VAL A 119 -11.87 -9.08 13.26
CA VAL A 119 -11.69 -7.65 13.47
C VAL A 119 -11.88 -7.36 14.95
N THR A 120 -10.91 -6.68 15.56
CA THR A 120 -11.00 -6.21 16.94
C THR A 120 -10.75 -4.72 16.92
N LEU A 121 -11.65 -3.95 17.54
CA LEU A 121 -11.56 -2.49 17.57
C LEU A 121 -11.40 -2.01 19.01
N PHE A 122 -10.31 -1.31 19.27
CA PHE A 122 -10.09 -0.73 20.61
C PHE A 122 -10.34 0.77 20.61
N PRO A 123 -10.97 1.26 21.68
CA PRO A 123 -11.13 2.71 21.88
C PRO A 123 -9.86 3.35 22.40
N PRO A 124 -9.79 4.68 22.47
CA PRO A 124 -8.64 5.33 23.10
C PRO A 124 -8.50 4.91 24.55
N SER A 125 -7.26 4.73 25.00
CA SER A 125 -7.02 4.44 26.40
C SER A 125 -7.23 5.68 27.26
N SER A 126 -7.55 5.45 28.53
CA SER A 126 -7.60 6.54 29.50
C SER A 126 -6.28 7.30 29.53
N GLU A 127 -5.16 6.58 29.46
CA GLU A 127 -3.87 7.26 29.50
C GLU A 127 -3.70 8.21 28.32
N GLU A 128 -4.09 7.75 27.11
CA GLU A 128 -3.91 8.60 25.94
C GLU A 128 -4.83 9.82 26.01
N LEU A 129 -6.09 9.62 26.43
CA LEU A 129 -7.01 10.74 26.58
C LEU A 129 -6.46 11.77 27.57
N GLN A 130 -5.87 11.30 28.67
CA GLN A 130 -5.31 12.23 29.65
C GLN A 130 -4.08 12.96 29.13
N ALA A 131 -3.42 12.41 28.10
CA ALA A 131 -2.34 13.06 27.40
C ALA A 131 -2.84 13.91 26.23
N ASN A 132 -4.16 14.14 26.16
CA ASN A 132 -4.77 15.07 25.19
C ASN A 132 -4.70 14.55 23.76
N LYS A 133 -4.79 13.22 23.61
CA LYS A 133 -4.73 12.56 22.32
C LYS A 133 -5.77 11.43 22.33
N ALA A 134 -6.05 10.86 21.15
CA ALA A 134 -7.00 9.76 21.08
C ALA A 134 -6.79 9.00 19.78
N THR A 135 -6.63 7.69 19.88
CA THR A 135 -6.43 6.86 18.71
C THR A 135 -7.36 5.65 18.82
N LEU A 136 -8.15 5.42 17.78
CA LEU A 136 -8.88 4.16 17.66
C LEU A 136 -8.03 3.18 16.87
N VAL A 137 -8.04 1.91 17.30
CA VAL A 137 -7.15 0.89 16.77
C VAL A 137 -7.99 -0.25 16.24
N CYS A 138 -7.92 -0.50 14.93
CA CYS A 138 -8.69 -1.56 14.28
C CYS A 138 -7.73 -2.63 13.79
N LEU A 139 -7.76 -3.80 14.41
CA LEU A 139 -6.83 -4.88 14.12
C LEU A 139 -7.57 -5.95 13.32
N ILE A 140 -6.97 -6.33 12.20
CA ILE A 140 -7.63 -7.18 11.20
C ILE A 140 -6.71 -8.36 10.94
N SER A 141 -7.20 -9.58 11.19
CA SER A 141 -6.29 -10.72 11.12
C SER A 141 -6.96 -11.92 10.49
N ASP A 142 -6.12 -12.88 10.10
CA ASP A 142 -6.54 -14.22 9.71
C ASP A 142 -7.40 -14.24 8.46
N PHE A 143 -7.17 -13.35 7.51
CA PHE A 143 -7.95 -13.35 6.28
C PHE A 143 -7.15 -13.86 5.09
N TYR A 144 -7.87 -14.45 4.14
CA TYR A 144 -7.27 -14.92 2.90
C TYR A 144 -8.37 -14.94 1.84
N PRO A 145 -8.13 -14.38 0.64
CA PRO A 145 -6.91 -13.76 0.11
C PRO A 145 -6.48 -12.51 0.88
N GLY A 146 -5.24 -12.10 0.68
CA GLY A 146 -4.68 -10.96 1.38
C GLY A 146 -4.97 -9.61 0.75
N ALA A 147 -6.26 -9.23 0.69
CA ALA A 147 -6.69 -7.96 0.13
C ALA A 147 -7.91 -7.51 0.91
N VAL A 148 -7.84 -6.31 1.51
CA VAL A 148 -8.98 -5.70 2.18
C VAL A 148 -9.02 -4.21 1.87
N THR A 149 -10.19 -3.62 2.08
CA THR A 149 -10.27 -2.18 2.17
C THR A 149 -10.95 -1.82 3.48
N VAL A 150 -10.58 -0.67 4.02
CA VAL A 150 -11.01 -0.26 5.36
C VAL A 150 -11.60 1.13 5.27
N ALA A 151 -12.76 1.30 5.88
CA ALA A 151 -13.46 2.58 5.95
C ALA A 151 -13.91 2.81 7.38
N TRP A 152 -13.92 4.06 7.79
CA TRP A 152 -14.34 4.44 9.12
C TRP A 152 -15.57 5.33 9.07
N LYS A 153 -16.39 5.26 10.11
CA LYS A 153 -17.54 6.13 10.25
C LYS A 153 -17.52 6.76 11.64
N ALA A 154 -17.94 8.02 11.69
CA ALA A 154 -18.14 8.74 12.94
C ALA A 154 -19.64 8.95 13.04
N ASP A 155 -20.24 8.34 14.05
CA ASP A 155 -21.67 8.11 14.06
C ASP A 155 -22.01 7.39 12.76
N SER A 156 -22.68 8.04 11.82
CA SER A 156 -22.99 7.38 10.56
C SER A 156 -22.24 7.96 9.37
N SER A 157 -21.34 8.90 9.61
CA SER A 157 -20.76 9.67 8.50
C SER A 157 -19.36 9.15 8.17
N PRO A 158 -19.07 8.97 6.88
CA PRO A 158 -17.73 8.50 6.49
C PRO A 158 -16.64 9.48 6.88
N VAL A 159 -15.54 8.94 7.41
CA VAL A 159 -14.42 9.73 7.87
C VAL A 159 -13.39 9.85 6.75
N LYS A 160 -13.03 11.10 6.42
CA LYS A 160 -12.13 11.39 5.30
C LYS A 160 -10.79 11.96 5.74
N ALA A 161 -10.52 12.08 7.03
CA ALA A 161 -9.23 12.59 7.51
C ALA A 161 -8.87 11.86 8.79
N GLY A 162 -7.57 11.71 9.03
CA GLY A 162 -7.10 11.10 10.26
C GLY A 162 -7.00 9.58 10.23
N VAL A 163 -7.10 8.98 9.05
CA VAL A 163 -7.07 7.52 8.91
C VAL A 163 -5.71 7.10 8.40
N GLU A 164 -5.14 6.07 9.01
CA GLU A 164 -3.89 5.47 8.55
C GLU A 164 -4.08 3.96 8.52
N THR A 165 -3.85 3.35 7.37
CA THR A 165 -4.11 1.92 7.17
C THR A 165 -2.90 1.27 6.53
N THR A 166 -2.54 0.10 7.03
CA THR A 166 -1.41 -0.65 6.48
C THR A 166 -1.84 -1.47 5.25
N THR A 167 -0.84 -1.81 4.45
CA THR A 167 -0.99 -2.87 3.47
C THR A 167 -1.17 -4.21 4.19
N PRO A 168 -1.86 -5.17 3.59
CA PRO A 168 -1.87 -6.51 4.18
C PRO A 168 -0.49 -7.14 4.19
N SER A 169 -0.20 -7.87 5.25
CA SER A 169 1.08 -8.57 5.40
C SER A 169 0.81 -10.02 5.77
N LYS A 170 1.64 -10.91 5.26
CA LYS A 170 1.45 -12.33 5.51
C LYS A 170 1.84 -12.70 6.95
N GLN A 171 0.92 -13.37 7.65
CA GLN A 171 1.17 -13.90 8.98
C GLN A 171 1.97 -15.20 8.90
N SER A 172 2.47 -15.65 10.06
CA SER A 172 3.22 -16.90 10.09
C SER A 172 2.36 -18.11 9.75
N ASN A 173 1.03 -18.02 9.87
CA ASN A 173 0.15 -19.11 9.45
C ASN A 173 -0.29 -18.98 8.00
N ASN A 174 0.29 -18.06 7.25
CA ASN A 174 0.10 -17.81 5.82
C ASN A 174 -1.23 -17.14 5.48
N LYS A 175 -2.05 -16.82 6.46
CA LYS A 175 -3.13 -15.87 6.23
C LYS A 175 -2.55 -14.46 6.39
N TYR A 176 -3.41 -13.45 6.34
CA TYR A 176 -2.93 -12.07 6.27
C TYR A 176 -3.50 -11.22 7.38
N ALA A 177 -2.77 -10.15 7.70
CA ALA A 177 -3.12 -9.19 8.73
C ALA A 177 -2.98 -7.78 8.19
N ALA A 178 -3.76 -6.86 8.76
CA ALA A 178 -3.64 -5.43 8.48
C ALA A 178 -4.15 -4.68 9.70
N SER A 179 -3.84 -3.40 9.77
CA SER A 179 -4.34 -2.59 10.87
C SER A 179 -4.70 -1.20 10.34
N SER A 180 -5.63 -0.55 11.03
CA SER A 180 -6.04 0.79 10.67
C SER A 180 -6.20 1.60 11.95
N TYR A 181 -5.82 2.87 11.88
CA TYR A 181 -5.84 3.77 13.01
C TYR A 181 -6.62 5.02 12.67
N LEU A 182 -7.46 5.47 13.60
CA LEU A 182 -8.20 6.72 13.43
C LEU A 182 -7.75 7.70 14.52
N SER A 183 -7.25 8.86 14.11
CA SER A 183 -6.82 9.90 15.05
C SER A 183 -7.95 10.88 15.34
N LEU A 184 -8.21 11.12 16.62
CA LEU A 184 -9.26 12.02 17.08
C LEU A 184 -8.68 12.89 18.18
N THR A 185 -9.34 14.04 18.43
CA THR A 185 -9.06 14.71 19.69
C THR A 185 -9.94 14.13 20.77
N PRO A 186 -9.59 14.30 22.05
CA PRO A 186 -10.50 13.79 23.09
C PRO A 186 -11.89 14.40 23.01
N GLU A 187 -11.99 15.68 22.66
CA GLU A 187 -13.31 16.29 22.53
C GLU A 187 -14.11 15.68 21.38
N GLN A 188 -13.46 15.41 20.25
CA GLN A 188 -14.11 14.70 19.17
C GLN A 188 -14.63 13.35 19.64
N TRP A 189 -13.76 12.58 20.29
CA TRP A 189 -14.16 11.26 20.78
C TRP A 189 -15.41 11.36 21.65
N LYS A 190 -15.43 12.30 22.61
CA LYS A 190 -16.54 12.39 23.55
C LYS A 190 -17.82 12.94 22.93
N SER A 191 -17.73 13.65 21.81
CA SER A 191 -18.87 14.35 21.26
C SER A 191 -19.62 13.53 20.21
N HIS A 192 -19.19 12.31 19.92
CA HIS A 192 -19.91 11.41 19.03
C HIS A 192 -20.43 10.22 19.81
N ARG A 193 -21.49 9.62 19.29
CA ARG A 193 -22.14 8.51 19.98
C ARG A 193 -21.43 7.20 19.71
N SER A 194 -20.85 7.05 18.52
CA SER A 194 -20.14 5.82 18.19
C SER A 194 -19.20 6.09 17.01
N TYR A 195 -18.20 5.23 16.90
CA TYR A 195 -17.32 5.13 15.76
C TYR A 195 -17.29 3.69 15.27
N SER A 196 -17.09 3.53 13.97
CA SER A 196 -17.08 2.20 13.37
C SER A 196 -15.89 2.02 12.44
N CYS A 197 -15.31 0.82 12.47
CA CYS A 197 -14.29 0.39 11.52
C CYS A 197 -14.92 -0.70 10.66
N GLN A 198 -14.96 -0.47 9.34
CA GLN A 198 -15.63 -1.35 8.39
C GLN A 198 -14.59 -1.97 7.48
N VAL A 199 -14.48 -3.30 7.50
CA VAL A 199 -13.48 -4.03 6.72
C VAL A 199 -14.19 -4.78 5.60
N THR A 200 -13.83 -4.51 4.36
CA THR A 200 -14.42 -5.19 3.21
C THR A 200 -13.44 -6.22 2.69
N HIS A 201 -13.91 -7.46 2.55
CA HIS A 201 -13.07 -8.57 2.09
C HIS A 201 -13.93 -9.39 1.15
N GLU A 202 -13.50 -9.52 -0.11
CA GLU A 202 -14.24 -10.27 -1.12
C GLU A 202 -15.68 -9.77 -1.25
N GLY A 203 -15.85 -8.44 -1.17
CA GLY A 203 -17.18 -7.90 -1.42
C GLY A 203 -18.17 -8.02 -0.29
N SER A 204 -17.77 -8.59 0.85
CA SER A 204 -18.58 -8.61 2.06
C SER A 204 -17.83 -7.89 3.18
N THR A 205 -18.57 -7.38 4.16
CA THR A 205 -18.00 -6.49 5.16
C THR A 205 -18.15 -7.07 6.56
N VAL A 206 -17.15 -6.78 7.39
CA VAL A 206 -17.21 -6.98 8.84
C VAL A 206 -17.00 -5.61 9.46
N GLU A 207 -17.93 -5.16 10.31
CA GLU A 207 -17.87 -3.84 10.90
C GLU A 207 -17.96 -3.93 12.40
N LYS A 208 -17.02 -3.31 13.10
CA LYS A 208 -17.04 -3.22 14.55
C LYS A 208 -17.23 -1.77 14.98
N THR A 209 -17.94 -1.57 16.11
CA THR A 209 -18.27 -0.26 16.62
C THR A 209 -17.76 -0.13 18.05
N VAL A 210 -17.35 1.10 18.42
CA VAL A 210 -17.03 1.42 19.81
C VAL A 210 -17.72 2.73 20.16
N ALA A 211 -17.99 2.90 21.45
CA ALA A 211 -18.73 4.05 21.94
C ALA A 211 -18.00 4.70 23.11
N PRO A 212 -17.95 6.02 23.13
CA PRO A 212 -17.26 6.73 24.22
C PRO A 212 -17.92 6.55 25.56
N THR A 213 -19.21 6.25 25.59
CA THR A 213 -19.92 6.02 26.83
C THR A 213 -19.72 4.62 27.38
N GLU A 214 -19.00 3.78 26.62
CA GLU A 214 -18.84 2.33 26.87
C GLU A 214 -20.07 1.68 27.49
N GLU B 1 20.57 -8.20 -24.26
CA GLU B 1 19.21 -7.85 -23.85
C GLU B 1 19.13 -6.37 -23.47
N VAL B 2 17.92 -5.80 -23.48
CA VAL B 2 17.75 -4.42 -23.04
C VAL B 2 18.04 -4.33 -21.54
N GLN B 3 18.90 -3.38 -21.16
CA GLN B 3 19.18 -3.07 -19.77
C GLN B 3 18.86 -1.62 -19.48
N LEU B 4 18.28 -1.37 -18.30
CA LEU B 4 18.02 -0.01 -17.81
C LEU B 4 18.55 0.00 -16.38
N VAL B 5 19.75 0.56 -16.21
CA VAL B 5 20.50 0.47 -14.96
C VAL B 5 20.32 1.78 -14.21
N GLN B 6 19.63 1.73 -13.08
CA GLN B 6 19.25 2.93 -12.34
C GLN B 6 20.21 3.20 -11.19
N SER B 7 20.39 4.48 -10.89
CA SER B 7 21.18 4.92 -9.76
C SER B 7 20.65 6.28 -9.31
N GLY B 8 21.17 6.73 -8.18
CA GLY B 8 20.72 7.98 -7.59
C GLY B 8 19.73 7.74 -6.47
N GLY B 9 18.99 8.79 -6.15
CA GLY B 9 17.98 8.64 -5.12
C GLY B 9 18.57 8.71 -3.72
N GLY B 10 17.83 8.13 -2.78
CA GLY B 10 18.21 8.18 -1.38
C GLY B 10 17.25 9.01 -0.55
N LEU B 11 17.76 9.57 0.55
CA LEU B 11 16.95 10.26 1.55
C LEU B 11 17.25 11.75 1.53
N VAL B 12 16.20 12.58 1.50
CA VAL B 12 16.34 14.03 1.63
C VAL B 12 15.24 14.59 2.52
N GLN B 13 15.46 15.79 2.99
CA GLN B 13 14.45 16.51 3.75
C GLN B 13 13.50 17.25 2.81
N PRO B 14 12.31 17.61 3.28
CA PRO B 14 11.39 18.38 2.44
C PRO B 14 12.05 19.68 1.96
N GLY B 15 11.79 20.03 0.70
CA GLY B 15 12.45 21.14 0.06
C GLY B 15 13.75 20.76 -0.61
N GLY B 16 14.25 19.55 -0.37
CA GLY B 16 15.53 19.15 -0.91
C GLY B 16 15.46 18.75 -2.37
N SER B 17 16.61 18.33 -2.89
CA SER B 17 16.76 17.97 -4.29
C SER B 17 17.50 16.65 -4.42
N LEU B 18 17.18 15.91 -5.48
CA LEU B 18 17.84 14.65 -5.84
C LEU B 18 17.88 14.54 -7.36
N ARG B 19 18.88 13.81 -7.87
CA ARG B 19 18.94 13.47 -9.29
C ARG B 19 18.98 11.96 -9.46
N LEU B 20 18.06 11.43 -10.27
CA LEU B 20 18.05 10.03 -10.67
C LEU B 20 18.68 9.87 -12.03
N SER B 21 19.34 8.73 -12.23
CA SER B 21 19.96 8.38 -13.51
C SER B 21 19.51 6.99 -13.93
N CYS B 22 19.45 6.80 -15.25
CA CYS B 22 19.07 5.52 -15.85
C CYS B 22 19.94 5.34 -17.07
N ALA B 23 20.91 4.44 -17.00
CA ALA B 23 21.82 4.16 -18.10
C ALA B 23 21.32 2.96 -18.87
N ALA B 24 21.25 3.09 -20.20
CA ALA B 24 20.62 2.07 -21.05
C ALA B 24 21.64 1.36 -21.92
N SER B 25 21.39 0.07 -22.16
CA SER B 25 22.14 -0.69 -23.15
C SER B 25 21.18 -1.61 -23.90
N GLY B 26 21.59 -2.05 -25.07
CA GLY B 26 20.80 -2.96 -25.88
C GLY B 26 19.88 -2.30 -26.89
N PHE B 27 19.88 -0.97 -26.98
CA PHE B 27 19.14 -0.24 -28.00
C PHE B 27 19.79 1.12 -28.16
N THR B 28 19.47 1.79 -29.25
CA THR B 28 20.00 3.12 -29.52
C THR B 28 19.05 4.15 -28.95
N PHE B 29 19.57 5.02 -28.07
CA PHE B 29 18.71 5.91 -27.27
C PHE B 29 17.84 6.78 -28.16
N ASN B 30 18.41 7.38 -29.20
CA ASN B 30 17.73 8.43 -29.95
C ASN B 30 16.56 7.91 -30.78
N ASN B 31 16.29 6.61 -30.70
CA ASN B 31 15.18 6.03 -31.43
C ASN B 31 13.94 5.89 -30.55
N TYR B 32 14.02 6.23 -29.25
CA TYR B 32 12.95 5.94 -28.32
C TYR B 32 12.63 7.10 -27.40
N TRP B 33 11.34 7.31 -27.19
CA TRP B 33 10.85 8.04 -26.03
C TRP B 33 11.20 7.27 -24.76
N MET B 34 11.43 8.03 -23.68
CA MET B 34 11.73 7.46 -22.37
C MET B 34 10.87 8.14 -21.32
N SER B 35 10.58 7.42 -20.23
CA SER B 35 9.70 7.94 -19.19
C SER B 35 10.20 7.57 -17.80
N TRP B 36 9.64 8.25 -16.81
CA TRP B 36 9.73 7.88 -15.40
C TRP B 36 8.32 7.61 -14.87
N VAL B 37 8.20 6.54 -14.08
CA VAL B 37 6.95 6.13 -13.44
C VAL B 37 7.28 5.83 -11.99
N ARG B 38 6.44 6.28 -11.05
CA ARG B 38 6.76 6.04 -9.66
C ARG B 38 5.64 5.29 -8.96
N GLN B 39 5.96 4.78 -7.76
CA GLN B 39 5.02 3.99 -6.98
C GLN B 39 5.31 4.22 -5.52
N ALA B 40 4.40 4.91 -4.83
CA ALA B 40 4.51 5.07 -3.39
C ALA B 40 4.26 3.73 -2.71
N PRO B 41 4.85 3.50 -1.54
CA PRO B 41 4.71 2.20 -0.88
C PRO B 41 3.25 1.81 -0.69
N GLY B 42 2.90 0.62 -1.17
CA GLY B 42 1.54 0.11 -1.05
C GLY B 42 0.53 0.69 -2.00
N LYS B 43 0.93 1.59 -2.89
CA LYS B 43 0.00 2.29 -3.76
C LYS B 43 0.24 1.90 -5.22
N GLY B 44 -0.45 2.58 -6.13
CA GLY B 44 -0.41 2.22 -7.53
C GLY B 44 0.69 2.93 -8.31
N LEU B 45 0.80 2.57 -9.59
CA LEU B 45 1.75 3.20 -10.49
C LEU B 45 1.26 4.60 -10.88
N GLU B 46 2.19 5.56 -10.95
CA GLU B 46 1.87 6.93 -11.32
C GLU B 46 2.93 7.43 -12.30
N TRP B 47 2.51 7.81 -13.50
CA TRP B 47 3.47 8.36 -14.45
C TRP B 47 3.98 9.72 -13.98
N VAL B 48 5.29 9.95 -14.17
CA VAL B 48 5.99 11.12 -13.65
C VAL B 48 6.41 12.08 -14.77
N SER B 49 6.94 11.55 -15.88
CA SER B 49 7.42 12.41 -16.95
C SER B 49 7.79 11.57 -18.16
N SER B 50 7.74 12.20 -19.34
CA SER B 50 8.18 11.57 -20.59
C SER B 50 8.95 12.58 -21.44
N ILE B 51 9.91 12.06 -22.23
CA ILE B 51 10.73 12.89 -23.11
C ILE B 51 10.89 12.19 -24.45
N SER B 52 10.80 12.96 -25.53
CA SER B 52 10.88 12.40 -26.89
C SER B 52 12.32 12.01 -27.23
N ASN B 53 12.49 11.29 -28.37
CA ASN B 53 13.81 10.83 -28.81
C ASN B 53 14.88 11.90 -28.62
N ILE B 54 14.52 13.12 -28.96
CA ILE B 54 15.45 14.22 -29.15
C ILE B 54 15.40 15.24 -28.02
N GLY B 55 14.42 15.12 -27.11
CA GLY B 55 14.11 16.17 -26.17
C GLY B 55 13.24 17.29 -26.71
N GLY B 56 12.81 17.19 -27.97
CA GLY B 56 11.95 18.22 -28.52
C GLY B 56 10.57 18.30 -27.89
N THR B 57 10.16 17.27 -27.15
CA THR B 57 8.85 17.25 -26.52
C THR B 57 8.97 16.62 -25.14
N ILE B 58 8.42 17.30 -24.13
CA ILE B 58 8.44 16.83 -22.75
C ILE B 58 7.04 16.98 -22.19
N TYR B 59 6.58 15.98 -21.44
CA TYR B 59 5.28 15.99 -20.79
C TYR B 59 5.44 15.70 -19.30
N TYR B 60 4.66 16.40 -18.47
CA TYR B 60 4.55 16.18 -17.03
C TYR B 60 3.09 16.16 -16.62
N PRO B 61 2.76 15.40 -15.58
CA PRO B 61 1.47 15.57 -14.91
C PRO B 61 1.55 16.76 -13.96
N ASP B 62 0.36 17.27 -13.59
CA ASP B 62 0.31 18.42 -12.69
C ASP B 62 0.97 18.13 -11.35
N SER B 63 1.05 16.87 -10.94
CA SER B 63 1.57 16.53 -9.61
C SER B 63 3.04 16.89 -9.45
N VAL B 64 3.78 17.05 -10.54
CA VAL B 64 5.20 17.34 -10.48
C VAL B 64 5.60 18.54 -11.32
N LYS B 65 4.66 19.14 -12.06
CA LYS B 65 4.99 20.26 -12.91
C LYS B 65 5.62 21.39 -12.10
N GLY B 66 6.74 21.93 -12.61
CA GLY B 66 7.42 23.03 -11.97
C GLY B 66 8.42 22.61 -10.90
N ARG B 67 8.50 21.33 -10.58
CA ARG B 67 9.43 20.80 -9.58
C ARG B 67 10.40 19.78 -10.14
N PHE B 68 9.94 18.90 -11.04
CA PHE B 68 10.76 17.86 -11.63
C PHE B 68 11.13 18.23 -13.07
N THR B 69 12.34 17.82 -13.49
CA THR B 69 12.81 18.08 -14.83
C THR B 69 13.38 16.78 -15.39
N ILE B 70 12.80 16.29 -16.47
CA ILE B 70 13.36 15.15 -17.18
C ILE B 70 14.35 15.68 -18.22
N SER B 71 15.43 14.93 -18.43
CA SER B 71 16.38 15.25 -19.48
C SER B 71 17.04 13.95 -19.92
N ARG B 72 17.74 14.01 -21.06
CA ARG B 72 18.45 12.85 -21.57
C ARG B 72 19.73 13.30 -22.25
N ASP B 73 20.71 12.40 -22.27
CA ASP B 73 21.96 12.60 -22.98
C ASP B 73 22.07 11.44 -23.97
N ASN B 74 21.74 11.70 -25.23
CA ASN B 74 21.67 10.61 -26.20
C ASN B 74 23.05 10.02 -26.49
N SER B 75 24.10 10.83 -26.42
CA SER B 75 25.44 10.30 -26.65
C SER B 75 25.89 9.39 -25.51
N LYS B 76 25.27 9.48 -24.35
CA LYS B 76 25.59 8.61 -23.23
C LYS B 76 24.52 7.57 -22.98
N ASN B 77 23.47 7.53 -23.80
CA ASN B 77 22.39 6.56 -23.61
C ASN B 77 21.85 6.62 -22.19
N THR B 78 21.75 7.84 -21.63
CA THR B 78 21.37 8.01 -20.24
C THR B 78 20.20 8.98 -20.09
N LEU B 79 19.27 8.61 -19.22
CA LEU B 79 18.09 9.40 -18.88
C LEU B 79 18.23 9.93 -17.47
N TYR B 80 17.76 11.16 -17.23
CA TYR B 80 17.87 11.79 -15.92
C TYR B 80 16.50 12.26 -15.44
N LEU B 81 16.36 12.33 -14.12
CA LEU B 81 15.25 13.05 -13.48
C LEU B 81 15.82 13.93 -12.39
N GLN B 82 15.71 15.25 -12.57
CA GLN B 82 16.12 16.19 -11.53
C GLN B 82 14.89 16.55 -10.71
N MET B 83 14.94 16.22 -9.42
CA MET B 83 13.79 16.41 -8.53
C MET B 83 14.12 17.54 -7.57
N ASN B 84 13.42 18.68 -7.70
CA ASN B 84 13.59 19.80 -6.80
C ASN B 84 12.31 20.01 -5.98
N SER B 85 12.44 20.82 -4.94
CA SER B 85 11.31 21.18 -4.08
C SER B 85 10.53 19.93 -3.63
N LEU B 86 11.28 18.91 -3.22
CA LEU B 86 10.67 17.63 -2.87
C LEU B 86 9.78 17.75 -1.64
N ARG B 87 8.76 16.89 -1.58
CA ARG B 87 7.89 16.82 -0.41
C ARG B 87 7.63 15.35 -0.09
N ALA B 88 7.07 15.13 1.11
CA ALA B 88 6.93 13.78 1.63
C ALA B 88 6.13 12.90 0.67
N GLU B 89 5.12 13.47 0.02
CA GLU B 89 4.29 12.72 -0.92
C GLU B 89 5.07 12.24 -2.14
N ASP B 90 6.29 12.72 -2.36
CA ASP B 90 7.10 12.22 -3.45
C ASP B 90 7.84 10.94 -3.10
N THR B 91 7.76 10.48 -1.84
CA THR B 91 8.42 9.25 -1.45
C THR B 91 7.86 8.08 -2.24
N ALA B 92 8.74 7.34 -2.92
CA ALA B 92 8.28 6.33 -3.88
C ALA B 92 9.48 5.59 -4.44
N VAL B 93 9.21 4.43 -5.03
CA VAL B 93 10.17 3.83 -5.96
C VAL B 93 9.94 4.44 -7.33
N TYR B 94 11.02 4.92 -7.96
CA TYR B 94 10.97 5.54 -9.27
C TYR B 94 11.55 4.57 -10.30
N TYR B 95 10.79 4.31 -11.36
CA TYR B 95 11.19 3.41 -12.43
C TYR B 95 11.47 4.19 -13.69
N CYS B 96 12.59 3.87 -14.34
CA CYS B 96 12.85 4.30 -15.70
C CYS B 96 12.14 3.35 -16.66
N THR B 97 11.60 3.89 -17.76
CA THR B 97 10.97 3.04 -18.77
C THR B 97 11.42 3.46 -20.15
N ARG B 98 11.51 2.47 -21.04
CA ARG B 98 11.58 2.70 -22.47
C ARG B 98 10.17 2.60 -23.03
N ASP B 99 9.79 3.57 -23.85
CA ASP B 99 8.46 3.62 -24.41
C ASP B 99 8.47 3.24 -25.88
N LEU B 100 7.36 2.70 -26.33
CA LEU B 100 7.06 2.60 -27.76
C LEU B 100 5.95 3.61 -28.01
N ARG B 101 6.35 4.83 -28.37
CA ARG B 101 5.41 5.95 -28.46
C ARG B 101 4.25 5.64 -29.41
N MET B 102 4.53 5.00 -30.55
CA MET B 102 3.47 4.77 -31.52
C MET B 102 2.49 3.70 -31.07
N SER B 103 2.80 2.94 -30.04
CA SER B 103 1.89 1.95 -29.48
C SER B 103 1.43 2.32 -28.07
N ASP B 104 1.83 3.49 -27.57
CA ASP B 104 1.37 4.02 -26.28
C ASP B 104 1.61 3.03 -25.12
N TYR B 105 2.79 2.40 -25.07
CA TYR B 105 3.05 1.59 -23.88
C TYR B 105 4.53 1.64 -23.51
N PHE B 106 4.80 1.16 -22.29
CA PHE B 106 6.14 1.10 -21.72
C PHE B 106 6.64 -0.33 -21.91
N ASP B 107 7.63 -0.54 -22.78
CA ASP B 107 7.95 -1.93 -23.08
C ASP B 107 9.05 -2.51 -22.20
N TYR B 108 9.87 -1.67 -21.56
CA TYR B 108 10.87 -2.15 -20.63
C TYR B 108 10.93 -1.23 -19.42
N TRP B 109 11.14 -1.84 -18.24
CA TRP B 109 11.16 -1.12 -16.97
C TRP B 109 12.46 -1.40 -16.24
N GLY B 110 13.06 -0.35 -15.68
CA GLY B 110 14.18 -0.54 -14.76
C GLY B 110 13.74 -1.21 -13.46
N GLN B 111 14.73 -1.56 -12.64
CA GLN B 111 14.45 -2.21 -11.37
C GLN B 111 14.02 -1.25 -10.28
N GLY B 112 14.15 0.06 -10.50
CA GLY B 112 13.65 1.04 -9.58
C GLY B 112 14.72 1.62 -8.67
N THR B 113 14.49 2.86 -8.24
CA THR B 113 15.33 3.57 -7.28
C THR B 113 14.42 4.15 -6.20
N MET B 114 14.74 3.88 -4.93
CA MET B 114 13.93 4.41 -3.84
C MET B 114 14.32 5.85 -3.52
N VAL B 115 13.30 6.71 -3.40
CA VAL B 115 13.46 8.09 -2.98
C VAL B 115 12.61 8.27 -1.73
N THR B 116 13.24 8.75 -0.65
CA THR B 116 12.53 9.00 0.60
C THR B 116 12.67 10.46 0.96
N VAL B 117 11.54 11.12 1.23
CA VAL B 117 11.52 12.53 1.60
C VAL B 117 10.85 12.61 2.96
N SER B 118 11.60 13.06 3.97
CA SER B 118 11.09 13.04 5.33
C SER B 118 11.89 14.01 6.18
N SER B 119 11.20 14.68 7.09
CA SER B 119 11.84 15.47 8.12
C SER B 119 11.86 14.77 9.46
N ALA B 120 11.46 13.50 9.50
CA ALA B 120 11.41 12.78 10.76
C ALA B 120 12.82 12.51 11.28
N SER B 121 12.96 12.55 12.60
CA SER B 121 14.22 12.20 13.25
C SER B 121 13.91 11.28 14.43
N THR B 122 14.98 10.74 14.99
CA THR B 122 14.85 9.74 16.05
C THR B 122 13.91 10.22 17.15
N LYS B 123 12.95 9.36 17.49
CA LYS B 123 11.93 9.68 18.48
C LYS B 123 11.43 8.38 19.09
N GLY B 124 11.46 8.29 20.42
CA GLY B 124 10.92 7.13 21.08
C GLY B 124 9.39 7.11 21.11
N PRO B 125 8.84 5.92 21.31
CA PRO B 125 7.38 5.75 21.25
C PRO B 125 6.67 6.21 22.51
N SER B 126 5.39 6.55 22.33
CA SER B 126 4.43 6.72 23.40
C SER B 126 3.61 5.44 23.48
N VAL B 127 3.69 4.72 24.60
CA VAL B 127 3.10 3.39 24.71
C VAL B 127 1.85 3.47 25.57
N PHE B 128 0.74 2.95 25.05
CA PHE B 128 -0.54 3.00 25.75
C PHE B 128 -1.14 1.62 25.86
N PRO B 129 -1.84 1.33 26.96
CA PRO B 129 -2.47 0.01 27.09
C PRO B 129 -3.76 -0.04 26.31
N LEU B 130 -4.03 -1.22 25.76
CA LEU B 130 -5.32 -1.50 25.11
C LEU B 130 -6.02 -2.48 26.03
N ALA B 131 -6.86 -1.95 26.90
CA ALA B 131 -7.32 -2.71 28.04
C ALA B 131 -8.41 -3.69 27.62
N PRO B 132 -8.45 -4.88 28.21
CA PRO B 132 -9.55 -5.79 27.95
C PRO B 132 -10.79 -5.30 28.66
N SER B 133 -11.93 -5.49 28.02
CA SER B 133 -13.22 -5.18 28.61
C SER B 133 -14.23 -6.16 28.02
N SER B 134 -15.47 -6.06 28.50
CA SER B 134 -16.56 -6.83 27.90
C SER B 134 -16.65 -6.58 26.40
N LYS B 135 -16.26 -5.40 25.95
CA LYS B 135 -16.36 -5.04 24.54
C LYS B 135 -15.21 -5.59 23.69
N SER B 136 -14.14 -6.10 24.31
CA SER B 136 -13.04 -6.72 23.58
C SER B 136 -12.98 -8.22 23.82
N THR B 137 -14.06 -8.82 24.31
CA THR B 137 -14.14 -10.24 24.61
C THR B 137 -15.16 -10.91 23.71
N SER B 138 -14.84 -12.12 23.25
CA SER B 138 -15.72 -12.89 22.39
C SER B 138 -15.73 -14.33 22.86
N GLY B 139 -16.91 -14.81 23.26
CA GLY B 139 -17.09 -16.18 23.72
C GLY B 139 -16.05 -16.75 24.67
N GLY B 140 -15.68 -16.00 25.71
CA GLY B 140 -14.78 -16.50 26.74
C GLY B 140 -13.31 -16.14 26.55
N THR B 141 -12.96 -15.52 25.42
CA THR B 141 -11.59 -15.10 25.12
C THR B 141 -11.54 -13.58 25.11
N ALA B 142 -10.58 -13.01 25.85
CA ALA B 142 -10.41 -11.57 25.91
C ALA B 142 -9.19 -11.16 25.10
N ALA B 143 -9.31 -10.04 24.40
CA ALA B 143 -8.19 -9.44 23.70
C ALA B 143 -7.70 -8.24 24.48
N LEU B 144 -6.39 -8.16 24.67
CA LEU B 144 -5.74 -7.02 25.30
C LEU B 144 -4.48 -6.71 24.51
N GLY B 145 -3.95 -5.50 24.65
CA GLY B 145 -2.76 -5.25 23.89
C GLY B 145 -2.06 -3.98 24.30
N CYS B 146 -1.12 -3.55 23.47
CA CYS B 146 -0.59 -2.23 23.71
C CYS B 146 -0.30 -1.54 22.37
N LEU B 147 -0.52 -0.25 22.39
CA LEU B 147 -0.37 0.64 21.25
C LEU B 147 0.96 1.36 21.39
N VAL B 148 1.79 1.26 20.36
CA VAL B 148 3.14 1.82 20.37
C VAL B 148 3.12 2.95 19.34
N LYS B 149 2.99 4.18 19.81
CA LYS B 149 2.64 5.30 18.95
C LYS B 149 3.82 6.23 18.68
N ASP B 150 3.95 6.66 17.42
CA ASP B 150 4.70 7.86 17.04
C ASP B 150 6.20 7.74 17.35
N TYR B 151 6.82 6.71 16.78
CA TYR B 151 8.26 6.52 16.93
C TYR B 151 8.97 6.59 15.58
N PHE B 152 10.28 6.81 15.62
CA PHE B 152 11.08 6.83 14.41
C PHE B 152 12.52 6.58 14.77
N PRO B 153 13.29 5.81 13.98
CA PRO B 153 12.89 5.02 12.82
C PRO B 153 12.42 3.64 13.26
N GLU B 154 12.10 2.76 12.31
CA GLU B 154 11.95 1.36 12.67
C GLU B 154 13.30 0.79 13.10
N PRO B 155 13.30 -0.31 13.87
CA PRO B 155 12.16 -1.11 14.33
C PRO B 155 11.89 -0.97 15.82
N VAL B 156 10.73 -1.52 16.19
CA VAL B 156 10.32 -1.73 17.58
C VAL B 156 10.12 -3.23 17.77
N THR B 157 10.53 -3.76 18.92
CA THR B 157 10.18 -5.12 19.29
C THR B 157 9.25 -5.10 20.48
N VAL B 158 8.36 -6.08 20.54
CA VAL B 158 7.40 -6.20 21.63
C VAL B 158 7.43 -7.63 22.13
N SER B 159 7.54 -7.80 23.45
CA SER B 159 7.31 -9.07 24.09
C SER B 159 6.25 -8.88 25.16
N TRP B 160 5.77 -10.00 25.70
CA TRP B 160 4.78 -9.97 26.77
C TRP B 160 5.32 -10.76 27.96
N ASN B 161 5.19 -10.16 29.14
CA ASN B 161 5.63 -10.78 30.39
C ASN B 161 7.06 -11.29 30.27
N SER B 162 7.91 -10.45 29.66
CA SER B 162 9.34 -10.71 29.52
C SER B 162 9.61 -12.00 28.76
N GLY B 163 8.74 -12.33 27.81
CA GLY B 163 8.89 -13.50 26.98
C GLY B 163 8.18 -14.74 27.50
N ALA B 164 7.60 -14.68 28.69
CA ALA B 164 6.89 -15.83 29.25
C ALA B 164 5.53 -16.04 28.60
N LEU B 165 4.95 -15.01 28.00
CA LEU B 165 3.66 -15.13 27.31
C LEU B 165 3.89 -15.03 25.82
N THR B 166 3.64 -16.13 25.10
CA THR B 166 3.86 -16.15 23.65
C THR B 166 2.63 -16.67 22.91
N SER B 167 1.88 -17.57 23.52
CA SER B 167 0.69 -18.11 22.89
C SER B 167 -0.36 -17.02 22.72
N GLY B 168 -0.90 -16.89 21.51
CA GLY B 168 -1.92 -15.91 21.26
C GLY B 168 -1.42 -14.51 21.03
N VAL B 169 -0.10 -14.30 20.98
CA VAL B 169 0.46 -12.97 20.77
C VAL B 169 0.51 -12.67 19.28
N HIS B 170 0.06 -11.47 18.90
CA HIS B 170 0.14 -11.03 17.51
C HIS B 170 0.60 -9.60 17.50
N THR B 171 1.84 -9.37 17.07
CA THR B 171 2.39 -8.03 16.90
C THR B 171 2.27 -7.65 15.43
N PHE B 172 1.51 -6.59 15.16
CA PHE B 172 1.19 -6.17 13.80
C PHE B 172 2.30 -5.33 13.19
N PRO B 173 2.52 -5.45 11.90
CA PRO B 173 3.45 -4.54 11.22
C PRO B 173 3.04 -3.09 11.42
N ALA B 174 4.06 -2.23 11.47
CA ALA B 174 3.81 -0.83 11.73
C ALA B 174 3.20 -0.14 10.53
N VAL B 175 2.45 0.93 10.82
CA VAL B 175 1.98 1.86 9.82
C VAL B 175 2.89 3.07 9.80
N LEU B 176 3.24 3.54 8.60
CA LEU B 176 3.91 4.82 8.43
C LEU B 176 2.84 5.88 8.27
N GLN B 177 2.76 6.79 9.22
CA GLN B 177 1.73 7.81 9.26
C GLN B 177 2.13 9.02 8.43
N SER B 178 1.12 9.81 8.05
CA SER B 178 1.41 11.02 7.28
C SER B 178 2.23 12.03 8.08
N SER B 179 2.32 11.87 9.41
CA SER B 179 3.26 12.67 10.21
C SER B 179 4.71 12.30 9.95
N GLY B 180 4.98 11.20 9.25
CA GLY B 180 6.32 10.68 9.09
C GLY B 180 6.80 9.79 10.22
N LEU B 181 5.97 9.57 11.23
CA LEU B 181 6.28 8.66 12.32
C LEU B 181 5.53 7.35 12.15
N TYR B 182 6.06 6.30 12.78
CA TYR B 182 5.46 4.97 12.76
C TYR B 182 4.63 4.71 14.00
N SER B 183 3.64 3.83 13.87
CA SER B 183 2.92 3.27 15.01
C SER B 183 2.67 1.80 14.77
N LEU B 184 2.63 1.02 15.85
CA LEU B 184 2.22 -0.37 15.71
C LEU B 184 1.43 -0.78 16.94
N SER B 185 0.81 -1.96 16.87
CA SER B 185 0.09 -2.53 18.00
C SER B 185 0.47 -3.99 18.16
N SER B 186 0.39 -4.45 19.41
CA SER B 186 0.56 -5.86 19.73
C SER B 186 -0.65 -6.27 20.56
N VAL B 187 -1.26 -7.40 20.20
CA VAL B 187 -2.44 -7.87 20.90
C VAL B 187 -2.22 -9.31 21.32
N VAL B 188 -2.79 -9.69 22.46
CA VAL B 188 -2.76 -11.07 22.89
C VAL B 188 -4.17 -11.47 23.31
N THR B 189 -4.54 -12.69 22.98
CA THR B 189 -5.83 -13.22 23.39
C THR B 189 -5.59 -14.19 24.53
N VAL B 190 -6.35 -14.03 25.60
CA VAL B 190 -6.22 -14.84 26.81
C VAL B 190 -7.61 -15.22 27.28
N PRO B 191 -7.72 -16.24 28.13
CA PRO B 191 -9.03 -16.56 28.71
C PRO B 191 -9.51 -15.41 29.58
N SER B 192 -10.80 -15.06 29.46
CA SER B 192 -11.30 -13.96 30.26
C SER B 192 -11.24 -14.27 31.75
N SER B 193 -11.25 -15.57 32.10
CA SER B 193 -11.11 -15.98 33.48
C SER B 193 -9.71 -15.72 34.05
N SER B 194 -8.73 -15.45 33.19
CA SER B 194 -7.38 -15.12 33.66
C SER B 194 -7.20 -13.65 33.97
N LEU B 195 -8.17 -12.78 33.65
CA LEU B 195 -7.96 -11.34 33.79
C LEU B 195 -7.85 -10.93 35.25
N GLY B 196 -8.49 -11.66 36.17
CA GLY B 196 -8.39 -11.35 37.57
C GLY B 196 -7.23 -12.00 38.30
N THR B 197 -6.52 -12.94 37.65
CA THR B 197 -5.47 -13.71 38.30
C THR B 197 -4.08 -13.50 37.70
N GLN B 198 -3.99 -13.04 36.45
CA GLN B 198 -2.72 -12.88 35.78
C GLN B 198 -2.42 -11.40 35.56
N THR B 199 -1.15 -11.06 35.63
CA THR B 199 -0.65 -9.74 35.28
C THR B 199 -0.12 -9.78 33.86
N TYR B 200 -0.45 -8.76 33.07
CA TYR B 200 -0.02 -8.67 31.68
C TYR B 200 0.77 -7.38 31.49
N ILE B 201 2.02 -7.52 31.06
CA ILE B 201 2.92 -6.39 30.83
C ILE B 201 3.49 -6.54 29.42
N CYS B 202 3.36 -5.51 28.60
CA CYS B 202 4.00 -5.53 27.30
C CYS B 202 5.35 -4.84 27.40
N ASN B 203 6.37 -5.48 26.86
CA ASN B 203 7.74 -4.99 26.93
C ASN B 203 8.11 -4.44 25.55
N VAL B 204 8.23 -3.13 25.45
CA VAL B 204 8.49 -2.45 24.19
C VAL B 204 9.95 -2.00 24.17
N ASN B 205 10.67 -2.35 23.11
CA ASN B 205 12.06 -1.94 22.93
C ASN B 205 12.19 -1.17 21.63
N HIS B 206 12.68 0.07 21.73
CA HIS B 206 12.95 0.89 20.56
C HIS B 206 14.43 1.26 20.65
N LYS B 207 15.28 0.36 20.16
CA LYS B 207 16.72 0.58 20.27
C LYS B 207 17.21 1.86 19.60
N PRO B 208 16.66 2.31 18.45
CA PRO B 208 17.18 3.54 17.84
C PRO B 208 17.14 4.76 18.75
N SER B 209 16.18 4.86 19.68
CA SER B 209 16.10 5.96 20.63
C SER B 209 16.56 5.56 22.02
N ASN B 210 17.13 4.36 22.17
CA ASN B 210 17.60 3.87 23.45
C ASN B 210 16.50 3.90 24.51
N THR B 211 15.30 3.51 24.12
CA THR B 211 14.11 3.54 24.96
C THR B 211 13.54 2.13 25.12
N LYS B 212 13.18 1.77 26.35
CA LYS B 212 12.38 0.60 26.67
C LYS B 212 11.21 1.05 27.53
N VAL B 213 10.05 0.47 27.28
CA VAL B 213 8.85 0.73 28.08
C VAL B 213 8.23 -0.61 28.44
N ASP B 214 8.02 -0.83 29.74
CA ASP B 214 7.23 -1.96 30.23
C ASP B 214 5.89 -1.41 30.70
N LYS B 215 4.82 -1.69 29.95
CA LYS B 215 3.51 -1.11 30.22
C LYS B 215 2.59 -2.19 30.79
N LYS B 216 2.08 -1.96 32.00
CA LYS B 216 1.08 -2.83 32.59
C LYS B 216 -0.27 -2.61 31.90
N VAL B 217 -0.94 -3.70 31.54
CA VAL B 217 -2.23 -3.63 30.86
C VAL B 217 -3.26 -4.22 31.80
N GLU B 218 -4.04 -3.37 32.44
CA GLU B 218 -5.03 -3.70 33.45
C GLU B 218 -6.41 -3.81 32.84
N PRO B 219 -7.21 -4.73 33.34
CA PRO B 219 -8.59 -4.86 32.82
C PRO B 219 -9.41 -3.66 33.23
N LYS B 220 -10.34 -3.29 32.35
CA LYS B 220 -11.34 -2.28 32.70
C LYS B 220 -12.52 -2.93 33.43
#